data_6QJU
#
_entry.id   6QJU
#
_cell.length_a   50.951
_cell.length_b   62.071
_cell.length_c   84.783
_cell.angle_alpha   90.00
_cell.angle_beta   90.00
_cell.angle_gamma   90.00
#
_symmetry.space_group_name_H-M   'P 21 21 21'
#
loop_
_entity.id
_entity.type
_entity.pdbx_description
1 polymer 'Bromodomain-containing protein 3'
2 non-polymer 1,2-ETHANEDIOL
3 non-polymer 'THIOCYANATE ION'
4 non-polymer 3-bromanyl-2~{H}-indazol-5-amine
5 non-polymer 'DIMETHYL SULFOXIDE'
6 non-polymer 'SODIUM ION'
7 water water
#
_entity_poly.entity_id   1
_entity_poly.type   'polypeptide(L)'
_entity_poly.pdbx_seq_one_letter_code
;SMPEVSNPSKPGRKTNQLQYMQNVVVKTLWKHQFAWPFYQPVDAIKLNLPDYHKIIKNPMDMGTIKKRLENNYYWSASEC
MQDFNTMFTNCYIYNKPTDDIVLMAQALEKIFLQKVAQMPQEE
;
_entity_poly.pdbx_strand_id   A,B
#
# COMPACT_ATOMS: atom_id res chain seq x y z
N ARG A 13 -19.65 16.97 -16.54
CA ARG A 13 -19.41 15.53 -16.52
C ARG A 13 -17.97 15.28 -16.10
N LYS A 14 -17.78 14.27 -15.26
CA LYS A 14 -16.43 13.95 -14.81
C LYS A 14 -15.73 13.10 -15.87
N THR A 15 -14.40 13.03 -15.78
CA THR A 15 -13.66 12.15 -16.68
C THR A 15 -14.18 10.70 -16.52
N ASN A 16 -13.95 9.90 -17.58
CA ASN A 16 -14.28 8.46 -17.52
C ASN A 16 -13.67 7.83 -16.28
N GLN A 17 -12.41 8.18 -16.01
CA GLN A 17 -11.70 7.55 -14.92
C GLN A 17 -12.27 7.98 -13.58
N LEU A 18 -12.63 9.26 -13.43
CA LEU A 18 -13.26 9.69 -12.18
C LEU A 18 -14.63 9.06 -11.99
N GLN A 19 -15.40 8.90 -13.08
CA GLN A 19 -16.66 8.16 -12.95
C GLN A 19 -16.42 6.74 -12.49
N TYR A 20 -15.35 6.10 -12.99
CA TYR A 20 -14.98 4.77 -12.54
C TYR A 20 -14.60 4.77 -11.07
N MET A 21 -13.81 5.75 -10.63
CA MET A 21 -13.50 5.82 -9.21
C MET A 21 -14.77 5.89 -8.37
N GLN A 22 -15.78 6.64 -8.83
CA GLN A 22 -17.01 6.78 -8.07
C GLN A 22 -17.87 5.52 -8.16
N ASN A 23 -18.14 5.06 -9.38
CA ASN A 23 -19.17 4.07 -9.62
C ASN A 23 -18.68 2.64 -9.52
N VAL A 24 -17.36 2.44 -9.52
CA VAL A 24 -16.78 1.11 -9.34
C VAL A 24 -15.94 1.05 -8.07
N VAL A 25 -14.96 1.94 -7.91
CA VAL A 25 -14.05 1.77 -6.79
C VAL A 25 -14.74 2.12 -5.48
N VAL A 26 -15.23 3.36 -5.34
CA VAL A 26 -15.91 3.73 -4.11
C VAL A 26 -17.17 2.88 -3.91
N LYS A 27 -17.95 2.65 -4.97
CA LYS A 27 -19.18 1.91 -4.78
C LYS A 27 -18.90 0.53 -4.21
N THR A 28 -17.86 -0.14 -4.72
CA THR A 28 -17.49 -1.48 -4.24
C THR A 28 -16.96 -1.44 -2.82
N LEU A 29 -15.98 -0.57 -2.58
CA LEU A 29 -15.39 -0.50 -1.26
C LEU A 29 -16.42 -0.10 -0.21
N TRP A 30 -17.31 0.84 -0.53
CA TRP A 30 -18.27 1.29 0.48
C TRP A 30 -19.14 0.15 0.96
N LYS A 31 -19.46 -0.78 0.07
CA LYS A 31 -20.33 -1.89 0.40
C LYS A 31 -19.61 -3.01 1.12
N HIS A 32 -18.28 -3.01 1.14
CA HIS A 32 -17.53 -4.07 1.80
C HIS A 32 -17.78 -4.02 3.30
N GLN A 33 -17.86 -5.19 3.93
CA GLN A 33 -18.18 -5.25 5.35
C GLN A 33 -17.16 -4.53 6.24
N PHE A 34 -15.93 -4.33 5.78
CA PHE A 34 -14.89 -3.72 6.60
C PHE A 34 -14.72 -2.22 6.34
N ALA A 35 -15.57 -1.61 5.50
CA ALA A 35 -15.32 -0.23 5.09
C ALA A 35 -15.77 0.80 6.12
N TRP A 36 -16.71 0.46 7.00
CA TRP A 36 -17.36 1.48 7.81
C TRP A 36 -16.43 2.33 8.69
N PRO A 37 -15.29 1.86 9.21
CA PRO A 37 -14.43 2.79 9.94
C PRO A 37 -13.91 3.93 9.09
N PHE A 38 -13.97 3.78 7.77
CA PHE A 38 -13.39 4.74 6.83
C PHE A 38 -14.44 5.65 6.22
N TYR A 39 -15.66 5.63 6.74
CA TYR A 39 -16.75 6.43 6.15
C TYR A 39 -16.68 7.91 6.50
N GLN A 40 -15.91 8.30 7.50
CA GLN A 40 -15.82 9.71 7.86
C GLN A 40 -14.42 9.96 8.40
N PRO A 41 -14.00 11.22 8.48
CA PRO A 41 -12.69 11.52 9.05
C PRO A 41 -12.53 10.90 10.42
N VAL A 42 -11.30 10.45 10.68
CA VAL A 42 -10.98 10.01 12.02
C VAL A 42 -11.25 11.15 12.99
N ASP A 43 -12.07 10.87 13.99
CA ASP A 43 -12.34 11.82 15.06
C ASP A 43 -11.50 11.35 16.24
N ALA A 44 -10.33 11.98 16.43
CA ALA A 44 -9.37 11.47 17.40
C ALA A 44 -9.90 11.55 18.83
N ILE A 45 -10.84 12.45 19.07
CA ILE A 45 -11.45 12.54 20.39
C ILE A 45 -12.42 11.40 20.62
N LYS A 46 -13.38 11.24 19.70
CA LYS A 46 -14.39 10.20 19.86
C LYS A 46 -13.75 8.82 19.91
N LEU A 47 -12.68 8.62 19.13
CA LEU A 47 -12.01 7.33 19.06
C LEU A 47 -10.89 7.17 20.07
N ASN A 48 -10.62 8.20 20.89
CA ASN A 48 -9.55 8.17 21.88
C ASN A 48 -8.22 7.72 21.27
N LEU A 49 -7.76 8.51 20.30
CA LEU A 49 -6.54 8.23 19.54
C LEU A 49 -5.49 9.26 19.90
N PRO A 50 -4.66 8.99 20.91
CA PRO A 50 -3.69 10.01 21.35
C PRO A 50 -2.78 10.47 20.23
N ASP A 51 -2.59 11.79 20.19
CA ASP A 51 -1.64 12.42 19.28
C ASP A 51 -1.90 12.07 17.80
N TYR A 52 -3.13 11.71 17.43
CA TYR A 52 -3.39 11.34 16.03
C TYR A 52 -2.90 12.42 15.08
N HIS A 53 -3.25 13.67 15.34
CA HIS A 53 -2.91 14.74 14.42
C HIS A 53 -1.49 15.22 14.59
N LYS A 54 -0.78 14.75 15.61
CA LYS A 54 0.65 15.00 15.70
C LYS A 54 1.44 14.07 14.78
N ILE A 55 0.95 12.86 14.52
N ILE A 55 0.93 12.86 14.56
CA ILE A 55 1.69 11.92 13.69
CA ILE A 55 1.60 11.86 13.73
C ILE A 55 1.13 11.83 12.27
C ILE A 55 1.12 12.01 12.30
N ILE A 56 -0.20 11.95 12.09
CA ILE A 56 -0.78 11.91 10.76
C ILE A 56 -0.91 13.35 10.25
N LYS A 57 -0.14 13.67 9.22
CA LYS A 57 -0.07 15.05 8.74
C LYS A 57 -1.17 15.36 7.77
N ASN A 58 -1.67 14.36 7.03
CA ASN A 58 -2.65 14.57 5.97
C ASN A 58 -3.77 13.56 6.13
N PRO A 59 -4.73 13.84 7.02
CA PRO A 59 -5.84 12.89 7.21
C PRO A 59 -6.64 12.70 5.94
N MET A 60 -7.15 11.48 5.73
CA MET A 60 -8.04 11.23 4.62
C MET A 60 -8.96 10.08 4.98
N ASP A 61 -10.12 10.03 4.35
CA ASP A 61 -11.10 8.99 4.62
C ASP A 61 -11.97 8.84 3.38
N MET A 62 -12.71 7.73 3.33
CA MET A 62 -13.47 7.44 2.14
C MET A 62 -14.74 8.27 2.02
N GLY A 63 -15.29 8.73 3.14
CA GLY A 63 -16.40 9.68 3.05
C GLY A 63 -15.99 10.96 2.36
N THR A 64 -14.80 11.49 2.69
CA THR A 64 -14.30 12.68 2.00
C THR A 64 -14.06 12.40 0.53
N ILE A 65 -13.48 11.23 0.21
CA ILE A 65 -13.27 10.89 -1.20
C ILE A 65 -14.59 10.84 -1.94
N LYS A 66 -15.60 10.19 -1.34
CA LYS A 66 -16.91 10.09 -1.97
CA LYS A 66 -16.90 10.09 -1.98
C LYS A 66 -17.52 11.47 -2.19
N LYS A 67 -17.42 12.35 -1.20
CA LYS A 67 -17.91 13.72 -1.36
C LYS A 67 -17.16 14.47 -2.45
N ARG A 68 -15.85 14.30 -2.52
CA ARG A 68 -15.08 14.98 -3.57
C ARG A 68 -15.56 14.51 -4.95
N LEU A 69 -15.85 13.22 -5.09
CA LEU A 69 -16.40 12.73 -6.36
C LEU A 69 -17.79 13.31 -6.62
N GLU A 70 -18.69 13.22 -5.63
CA GLU A 70 -20.03 13.75 -5.81
C GLU A 70 -20.03 15.23 -6.14
N ASN A 71 -19.11 15.97 -5.53
CA ASN A 71 -19.09 17.42 -5.63
C ASN A 71 -18.17 17.91 -6.73
N ASN A 72 -17.67 17.02 -7.60
CA ASN A 72 -16.91 17.44 -8.78
C ASN A 72 -15.59 18.14 -8.44
N TYR A 73 -14.98 17.75 -7.32
CA TYR A 73 -13.76 18.40 -6.84
C TYR A 73 -12.52 18.06 -7.66
N TYR A 74 -12.33 16.79 -8.02
CA TYR A 74 -11.07 16.38 -8.63
C TYR A 74 -10.96 16.87 -10.07
N TRP A 75 -9.74 17.21 -10.47
CA TRP A 75 -9.46 17.55 -11.85
C TRP A 75 -9.11 16.30 -12.66
N SER A 76 -8.49 15.31 -12.04
CA SER A 76 -8.08 14.09 -12.74
C SER A 76 -8.05 12.94 -11.73
N ALA A 77 -8.15 11.72 -12.23
CA ALA A 77 -8.30 10.55 -11.35
C ALA A 77 -7.08 10.26 -10.48
N SER A 78 -5.87 10.62 -10.93
N SER A 78 -5.87 10.64 -10.91
CA SER A 78 -4.68 10.45 -10.10
CA SER A 78 -4.71 10.38 -10.08
C SER A 78 -4.89 11.04 -8.72
C SER A 78 -4.81 11.08 -8.73
N GLU A 79 -5.52 12.20 -8.66
CA GLU A 79 -5.69 12.89 -7.39
C GLU A 79 -6.55 12.08 -6.43
N CYS A 80 -7.56 11.41 -6.97
CA CYS A 80 -8.42 10.55 -6.18
C CYS A 80 -7.66 9.32 -5.72
N MET A 81 -6.89 8.69 -6.63
CA MET A 81 -6.04 7.58 -6.22
C MET A 81 -5.09 7.98 -5.10
N GLN A 82 -4.52 9.20 -5.18
CA GLN A 82 -3.62 9.64 -4.13
C GLN A 82 -4.33 9.74 -2.80
N ASP A 83 -5.57 10.23 -2.80
CA ASP A 83 -6.32 10.26 -1.55
C ASP A 83 -6.53 8.86 -0.97
N PHE A 84 -6.86 7.88 -1.81
CA PHE A 84 -6.96 6.51 -1.30
C PHE A 84 -5.64 6.05 -0.70
N ASN A 85 -4.52 6.29 -1.40
CA ASN A 85 -3.23 5.85 -0.91
C ASN A 85 -2.94 6.49 0.44
N THR A 86 -3.28 7.77 0.59
CA THR A 86 -3.10 8.46 1.87
C THR A 86 -3.94 7.82 2.95
N MET A 87 -5.21 7.55 2.65
CA MET A 87 -6.08 6.91 3.64
C MET A 87 -5.49 5.60 4.14
N PHE A 88 -5.09 4.71 3.23
CA PHE A 88 -4.58 3.42 3.66
C PHE A 88 -3.27 3.59 4.43
N THR A 89 -2.34 4.38 3.88
CA THR A 89 -1.04 4.50 4.52
C THR A 89 -1.17 5.12 5.91
N ASN A 90 -2.07 6.10 6.09
CA ASN A 90 -2.27 6.66 7.42
C ASN A 90 -2.67 5.60 8.42
N CYS A 91 -3.55 4.68 8.00
N CYS A 91 -3.50 4.64 7.99
CA CYS A 91 -3.90 3.56 8.88
CA CYS A 91 -3.92 3.60 8.90
C CYS A 91 -2.66 2.86 9.36
C CYS A 91 -2.72 2.76 9.34
N TYR A 92 -1.81 2.48 8.41
CA TYR A 92 -0.63 1.67 8.74
C TYR A 92 0.37 2.45 9.58
N ILE A 93 0.55 3.74 9.31
CA ILE A 93 1.47 4.54 10.12
C ILE A 93 1.09 4.50 11.58
N TYR A 94 -0.21 4.64 11.86
CA TYR A 94 -0.67 4.84 13.22
C TYR A 94 -0.77 3.54 14.00
N ASN A 95 -0.95 2.40 13.32
CA ASN A 95 -1.37 1.16 13.97
C ASN A 95 -0.33 0.05 13.81
N LYS A 96 -0.36 -0.88 14.73
CA LYS A 96 0.62 -1.94 14.61
C LYS A 96 0.07 -3.12 13.83
N PRO A 97 0.97 -3.99 13.37
CA PRO A 97 0.56 -5.03 12.41
C PRO A 97 -0.58 -5.90 12.86
N THR A 98 -0.72 -6.19 14.14
CA THR A 98 -1.74 -7.10 14.61
C THR A 98 -3.08 -6.43 14.85
N ASP A 99 -3.19 -5.12 14.65
CA ASP A 99 -4.45 -4.46 14.97
C ASP A 99 -5.55 -4.81 13.96
N ASP A 100 -6.78 -4.97 14.45
CA ASP A 100 -7.89 -5.32 13.57
C ASP A 100 -8.05 -4.33 12.45
N ILE A 101 -7.89 -3.03 12.74
CA ILE A 101 -8.08 -2.01 11.71
C ILE A 101 -7.08 -2.18 10.57
N VAL A 102 -5.87 -2.67 10.86
CA VAL A 102 -4.88 -2.91 9.81
C VAL A 102 -5.33 -4.04 8.91
N LEU A 103 -5.87 -5.11 9.50
CA LEU A 103 -6.40 -6.21 8.69
C LEU A 103 -7.55 -5.72 7.81
N MET A 104 -8.40 -4.86 8.36
CA MET A 104 -9.51 -4.31 7.58
C MET A 104 -9.00 -3.47 6.42
N ALA A 105 -8.07 -2.57 6.70
CA ALA A 105 -7.49 -1.74 5.64
C ALA A 105 -6.81 -2.60 4.59
N GLN A 106 -6.09 -3.65 4.99
CA GLN A 106 -5.40 -4.47 4.02
C GLN A 106 -6.36 -5.12 3.03
N ALA A 107 -7.52 -5.58 3.52
CA ALA A 107 -8.46 -6.20 2.62
C ALA A 107 -9.02 -5.19 1.63
N LEU A 108 -9.34 -3.99 2.13
CA LEU A 108 -9.84 -2.95 1.23
C LEU A 108 -8.78 -2.52 0.22
N GLU A 109 -7.52 -2.41 0.66
CA GLU A 109 -6.46 -1.96 -0.22
C GLU A 109 -6.22 -2.95 -1.35
N LYS A 110 -6.28 -4.25 -1.06
CA LYS A 110 -6.08 -5.22 -2.13
C LYS A 110 -7.13 -5.04 -3.22
N ILE A 111 -8.38 -4.83 -2.81
CA ILE A 111 -9.46 -4.59 -3.77
C ILE A 111 -9.20 -3.31 -4.53
N PHE A 112 -8.83 -2.24 -3.82
CA PHE A 112 -8.48 -0.98 -4.48
C PHE A 112 -7.46 -1.20 -5.58
N LEU A 113 -6.39 -1.93 -5.29
CA LEU A 113 -5.36 -2.17 -6.29
C LEU A 113 -5.91 -2.97 -7.46
N GLN A 114 -6.66 -4.04 -7.17
CA GLN A 114 -7.24 -4.84 -8.24
C GLN A 114 -8.13 -3.99 -9.13
N LYS A 115 -8.92 -3.09 -8.53
CA LYS A 115 -9.84 -2.27 -9.33
C LYS A 115 -9.12 -1.18 -10.11
N VAL A 116 -8.14 -0.52 -9.52
CA VAL A 116 -7.48 0.54 -10.28
C VAL A 116 -6.61 -0.05 -11.40
N ALA A 117 -6.18 -1.31 -11.28
CA ALA A 117 -5.50 -1.95 -12.40
C ALA A 117 -6.41 -2.07 -13.63
N GLN A 118 -7.71 -2.00 -13.45
CA GLN A 118 -8.69 -2.09 -14.53
C GLN A 118 -9.30 -0.74 -14.87
N MET A 119 -8.70 0.34 -14.41
CA MET A 119 -9.12 1.71 -14.75
CA MET A 119 -9.21 1.65 -14.75
C MET A 119 -9.28 1.84 -16.26
N PRO A 120 -10.35 2.44 -16.76
CA PRO A 120 -10.50 2.61 -18.21
C PRO A 120 -9.59 3.71 -18.73
N GLN A 121 -9.42 3.73 -20.03
CA GLN A 121 -8.81 4.86 -20.72
C GLN A 121 -9.81 5.99 -20.92
N GLU A 122 -9.31 7.22 -20.87
CA GLU A 122 -10.08 8.33 -21.44
C GLU A 122 -10.14 8.18 -22.96
N GLU A 123 -11.19 8.70 -23.56
CA GLU A 123 -11.34 8.57 -25.01
C GLU A 123 -11.43 9.91 -25.72
N PRO B 3 7.84 5.35 -6.11
CA PRO B 3 7.61 5.66 -4.70
C PRO B 3 8.79 6.40 -4.09
N GLU B 4 8.51 7.36 -3.22
CA GLU B 4 9.58 8.08 -2.56
C GLU B 4 10.22 7.22 -1.48
N VAL B 5 11.48 7.50 -1.18
CA VAL B 5 12.20 6.82 -0.11
C VAL B 5 12.62 7.77 0.99
N SER B 6 12.30 9.06 0.85
CA SER B 6 12.64 10.11 1.82
CA SER B 6 12.55 10.03 1.90
C SER B 6 11.52 11.14 1.77
N ASN B 7 11.20 11.76 2.91
CA ASN B 7 10.22 12.84 2.92
C ASN B 7 10.43 13.63 4.19
N PRO B 8 10.93 14.87 4.11
CA PRO B 8 11.26 15.61 5.34
C PRO B 8 10.05 15.89 6.23
N SER B 9 8.85 15.88 5.68
CA SER B 9 7.66 16.16 6.48
C SER B 9 7.11 14.94 7.19
N LYS B 10 7.56 13.74 6.80
CA LYS B 10 6.95 12.52 7.29
C LYS B 10 7.73 12.01 8.49
N PRO B 11 7.13 11.86 9.67
CA PRO B 11 7.85 11.23 10.78
C PRO B 11 8.39 9.88 10.40
N GLY B 12 9.63 9.60 10.80
CA GLY B 12 10.22 8.30 10.56
C GLY B 12 11.11 7.91 11.72
N ARG B 13 11.33 6.61 11.87
CA ARG B 13 12.08 6.08 13.02
C ARG B 13 12.50 4.65 12.71
N LYS B 14 13.25 4.07 13.64
CA LYS B 14 13.55 2.64 13.64
C LYS B 14 13.15 2.08 14.99
N THR B 15 12.25 1.14 14.99
CA THR B 15 11.85 0.47 16.21
C THR B 15 12.29 -0.98 16.13
N ASN B 16 12.01 -1.74 17.19
CA ASN B 16 12.35 -3.16 17.16
CA ASN B 16 12.35 -3.15 17.16
C ASN B 16 11.62 -3.88 16.04
N GLN B 17 10.36 -3.51 15.78
CA GLN B 17 9.62 -4.19 14.71
C GLN B 17 10.17 -3.83 13.34
N LEU B 18 10.54 -2.57 13.15
CA LEU B 18 11.16 -2.18 11.89
C LEU B 18 12.54 -2.81 11.72
N GLN B 19 13.31 -2.91 12.79
CA GLN B 19 14.60 -3.61 12.68
CA GLN B 19 14.60 -3.61 12.67
C GLN B 19 14.39 -5.07 12.30
N TYR B 20 13.36 -5.71 12.85
CA TYR B 20 13.02 -7.08 12.47
C TYR B 20 12.63 -7.15 11.00
N MET B 21 11.80 -6.20 10.53
CA MET B 21 11.47 -6.19 9.11
C MET B 21 12.72 -6.13 8.25
N GLN B 22 13.71 -5.31 8.65
CA GLN B 22 14.93 -5.18 7.85
CA GLN B 22 14.92 -5.19 7.85
C GLN B 22 15.80 -6.43 7.99
N ASN B 23 16.17 -6.77 9.22
N ASN B 23 16.14 -6.79 9.23
CA ASN B 23 17.22 -7.77 9.45
CA ASN B 23 17.22 -7.75 9.47
C ASN B 23 16.73 -9.19 9.24
C ASN B 23 16.75 -9.19 9.39
N VAL B 24 15.45 -9.45 9.51
CA VAL B 24 14.88 -10.78 9.38
C VAL B 24 14.10 -10.91 8.08
N VAL B 25 13.08 -10.07 7.90
CA VAL B 25 12.18 -10.29 6.76
C VAL B 25 12.87 -9.98 5.44
N VAL B 26 13.31 -8.74 5.26
CA VAL B 26 13.91 -8.37 3.98
C VAL B 26 15.17 -9.19 3.73
N LYS B 27 16.02 -9.32 4.75
CA LYS B 27 17.28 -10.04 4.54
C LYS B 27 17.04 -11.52 4.17
N THR B 28 16.07 -12.18 4.83
CA THR B 28 15.78 -13.57 4.48
C THR B 28 15.29 -13.68 3.04
N LEU B 29 14.39 -12.80 2.65
CA LEU B 29 13.89 -12.86 1.29
C LEU B 29 14.99 -12.51 0.28
N TRP B 30 15.92 -11.62 0.65
CA TRP B 30 16.98 -11.18 -0.28
C TRP B 30 17.85 -12.35 -0.71
N LYS B 31 17.98 -13.38 0.13
CA LYS B 31 18.85 -14.55 -0.10
C LYS B 31 18.13 -15.68 -0.80
N HIS B 32 16.89 -15.49 -1.16
CA HIS B 32 16.14 -16.55 -1.81
C HIS B 32 16.50 -16.60 -3.29
N GLN B 33 16.54 -17.81 -3.83
CA GLN B 33 16.83 -18.00 -5.24
C GLN B 33 15.88 -17.20 -6.14
N PHE B 34 14.66 -16.93 -5.68
CA PHE B 34 13.63 -16.31 -6.50
C PHE B 34 13.51 -14.80 -6.25
N ALA B 35 14.41 -14.21 -5.46
CA ALA B 35 14.27 -12.81 -5.11
C ALA B 35 14.66 -11.89 -6.27
N TRP B 36 15.47 -12.37 -7.20
CA TRP B 36 16.09 -11.46 -8.16
C TRP B 36 15.12 -10.61 -8.99
N PRO B 37 13.92 -11.08 -9.39
CA PRO B 37 13.02 -10.18 -10.14
C PRO B 37 12.56 -8.99 -9.32
N PHE B 38 12.78 -8.99 -8.01
CA PHE B 38 12.18 -8.06 -7.06
C PHE B 38 13.24 -7.18 -6.38
N TYR B 39 14.52 -7.29 -6.76
CA TYR B 39 15.54 -6.47 -6.14
C TYR B 39 15.45 -5.01 -6.55
N GLN B 40 14.86 -4.73 -7.70
CA GLN B 40 14.79 -3.38 -8.25
CA GLN B 40 14.76 -3.36 -8.19
C GLN B 40 13.44 -3.20 -8.90
N PRO B 41 13.02 -1.97 -9.19
CA PRO B 41 11.75 -1.76 -9.88
C PRO B 41 11.67 -2.58 -11.16
N VAL B 42 10.46 -3.04 -11.48
CA VAL B 42 10.21 -3.71 -12.76
C VAL B 42 10.70 -2.85 -13.90
N ASP B 43 11.45 -3.46 -14.82
CA ASP B 43 12.01 -2.80 -16.00
C ASP B 43 11.14 -3.21 -17.19
N ALA B 44 10.14 -2.38 -17.50
CA ALA B 44 9.18 -2.75 -18.52
C ALA B 44 9.81 -2.82 -19.91
N ILE B 45 10.82 -2.02 -20.17
CA ILE B 45 11.43 -2.07 -21.50
C ILE B 45 12.27 -3.33 -21.65
N LYS B 46 13.12 -3.63 -20.65
CA LYS B 46 13.91 -4.86 -20.71
C LYS B 46 13.02 -6.09 -20.85
N LEU B 47 11.88 -6.10 -20.16
CA LEU B 47 10.94 -7.21 -20.24
C LEU B 47 9.95 -7.10 -21.41
N ASN B 48 9.94 -5.99 -22.15
CA ASN B 48 9.04 -5.82 -23.30
C ASN B 48 7.57 -5.82 -22.86
N LEU B 49 7.24 -4.92 -21.93
CA LEU B 49 5.90 -4.84 -21.35
C LEU B 49 5.35 -3.44 -21.56
N PRO B 50 4.86 -3.13 -22.76
CA PRO B 50 4.41 -1.76 -23.02
C PRO B 50 3.31 -1.29 -22.09
N ASP B 51 2.50 -2.23 -21.58
CA ASP B 51 1.37 -1.90 -20.74
C ASP B 51 1.65 -2.01 -19.25
N TYR B 52 2.84 -2.41 -18.81
CA TYR B 52 3.04 -2.64 -17.38
C TYR B 52 2.70 -1.38 -16.57
N HIS B 53 3.21 -0.23 -16.99
CA HIS B 53 3.04 1.01 -16.24
C HIS B 53 1.72 1.70 -16.56
N LYS B 54 0.93 1.12 -17.47
CA LYS B 54 -0.45 1.53 -17.65
C LYS B 54 -1.34 0.82 -16.64
N ILE B 55 -1.07 -0.47 -16.40
CA ILE B 55 -1.87 -1.29 -15.50
C ILE B 55 -1.48 -1.07 -14.04
N ILE B 56 -0.16 -1.06 -13.76
CA ILE B 56 0.37 -0.98 -12.41
C ILE B 56 0.61 0.48 -12.06
N LYS B 57 -0.22 1.00 -11.15
CA LYS B 57 -0.18 2.40 -10.74
C LYS B 57 0.69 2.64 -9.52
N ASN B 58 0.87 1.62 -8.70
CA ASN B 58 1.60 1.71 -7.44
C ASN B 58 2.74 0.71 -7.51
N PRO B 59 3.78 0.98 -8.29
CA PRO B 59 4.90 0.01 -8.37
C PRO B 59 5.61 -0.12 -7.03
N MET B 60 6.12 -1.31 -6.75
CA MET B 60 6.89 -1.49 -5.52
C MET B 60 7.84 -2.66 -5.73
N ASP B 61 8.98 -2.62 -5.05
CA ASP B 61 10.02 -3.65 -5.17
C ASP B 61 10.80 -3.68 -3.86
N MET B 62 11.57 -4.76 -3.67
CA MET B 62 12.30 -4.92 -2.40
C MET B 62 13.47 -3.96 -2.28
N GLY B 63 14.03 -3.49 -3.40
CA GLY B 63 15.08 -2.47 -3.31
C GLY B 63 14.57 -1.19 -2.70
N THR B 64 13.38 -0.77 -3.12
CA THR B 64 12.73 0.41 -2.55
C THR B 64 12.43 0.20 -1.07
N ILE B 65 11.93 -0.99 -0.70
CA ILE B 65 11.66 -1.30 0.71
C ILE B 65 12.93 -1.18 1.53
N LYS B 66 14.04 -1.78 1.02
CA LYS B 66 15.29 -1.71 1.73
C LYS B 66 15.72 -0.26 1.95
N LYS B 67 15.60 0.58 0.92
CA LYS B 67 15.96 1.99 1.06
CA LYS B 67 15.97 1.99 1.08
C LYS B 67 15.08 2.70 2.09
N ARG B 68 13.77 2.41 2.08
CA ARG B 68 12.90 3.02 3.08
C ARG B 68 13.36 2.64 4.48
N LEU B 69 13.71 1.36 4.70
CA LEU B 69 14.21 0.97 6.01
C LEU B 69 15.52 1.66 6.34
N GLU B 70 16.42 1.75 5.37
CA GLU B 70 17.72 2.39 5.60
C GLU B 70 17.55 3.86 5.90
N ASN B 71 16.52 4.49 5.35
CA ASN B 71 16.32 5.91 5.56
C ASN B 71 15.48 6.22 6.79
N ASN B 72 15.02 5.21 7.53
CA ASN B 72 14.06 5.44 8.60
C ASN B 72 12.86 6.21 8.07
N TYR B 73 12.38 5.79 6.89
CA TYR B 73 11.24 6.41 6.24
C TYR B 73 9.92 6.00 6.92
N TYR B 74 9.83 4.77 7.38
CA TYR B 74 8.60 4.31 7.98
C TYR B 74 8.49 4.76 9.43
N TRP B 75 7.25 4.84 9.91
CA TRP B 75 6.97 4.92 11.34
C TRP B 75 6.55 3.57 11.92
N SER B 76 5.88 2.74 11.13
CA SER B 76 5.29 1.50 11.60
C SER B 76 5.71 0.35 10.69
N ALA B 77 5.93 -0.82 11.28
CA ALA B 77 6.14 -2.01 10.49
C ALA B 77 4.96 -2.32 9.59
N SER B 78 3.75 -1.84 9.93
CA SER B 78 2.62 -2.04 9.05
C SER B 78 2.84 -1.40 7.68
N GLU B 79 3.59 -0.30 7.61
CA GLU B 79 3.87 0.30 6.30
C GLU B 79 4.77 -0.57 5.46
N CYS B 80 5.78 -1.19 6.10
CA CYS B 80 6.66 -2.10 5.39
C CYS B 80 5.86 -3.31 4.88
N MET B 81 4.95 -3.84 5.69
CA MET B 81 4.07 -4.92 5.24
C MET B 81 3.21 -4.49 4.07
N GLN B 82 2.69 -3.25 4.12
CA GLN B 82 1.93 -2.71 2.99
C GLN B 82 2.75 -2.78 1.71
N ASP B 83 4.01 -2.33 1.77
CA ASP B 83 4.84 -2.33 0.57
C ASP B 83 5.06 -3.73 0.04
N PHE B 84 5.33 -4.71 0.92
CA PHE B 84 5.42 -6.09 0.44
C PHE B 84 4.13 -6.53 -0.21
N ASN B 85 2.99 -6.25 0.46
N ASN B 85 2.99 -6.21 0.40
CA ASN B 85 1.69 -6.58 -0.10
CA ASN B 85 1.75 -6.67 -0.20
C ASN B 85 1.52 -6.01 -1.50
C ASN B 85 1.46 -5.99 -1.51
N THR B 86 1.87 -4.72 -1.67
CA THR B 86 1.72 -4.08 -2.98
C THR B 86 2.56 -4.80 -4.02
N MET B 87 3.81 -5.12 -3.66
CA MET B 87 4.71 -5.82 -4.58
C MET B 87 4.10 -7.15 -5.01
N PHE B 88 3.61 -7.95 -4.07
CA PHE B 88 3.02 -9.24 -4.44
C PHE B 88 1.75 -9.04 -5.24
N THR B 89 0.87 -8.14 -4.77
CA THR B 89 -0.39 -7.91 -5.47
C THR B 89 -0.16 -7.46 -6.91
N ASN B 90 0.80 -6.56 -7.13
CA ASN B 90 1.11 -6.13 -8.51
C ASN B 90 1.45 -7.32 -9.38
N CYS B 91 2.26 -8.24 -8.85
CA CYS B 91 2.68 -9.41 -9.63
C CYS B 91 1.48 -10.27 -9.98
N TYR B 92 0.60 -10.50 -9.02
CA TYR B 92 -0.58 -11.35 -9.24
C TYR B 92 -1.57 -10.67 -10.16
N ILE B 93 -1.67 -9.34 -10.12
CA ILE B 93 -2.55 -8.64 -11.05
C ILE B 93 -2.02 -8.76 -12.47
N TYR B 94 -0.73 -8.50 -12.66
CA TYR B 94 -0.23 -8.31 -14.02
C TYR B 94 -0.07 -9.63 -14.76
N ASN B 95 0.33 -10.69 -14.07
CA ASN B 95 0.76 -11.93 -14.72
C ASN B 95 -0.32 -12.99 -14.68
N LYS B 96 -0.17 -13.97 -15.55
CA LYS B 96 -1.09 -15.11 -15.56
C LYS B 96 -0.85 -15.99 -14.34
N PRO B 97 -1.91 -16.58 -13.76
CA PRO B 97 -1.72 -17.40 -12.56
C PRO B 97 -0.74 -18.54 -12.74
N THR B 98 -0.55 -19.02 -13.97
CA THR B 98 0.33 -20.14 -14.26
C THR B 98 1.74 -19.71 -14.65
N ASP B 99 2.02 -18.41 -14.66
CA ASP B 99 3.36 -17.95 -15.03
C ASP B 99 4.37 -18.27 -13.93
N ASP B 100 5.59 -18.57 -14.36
CA ASP B 100 6.67 -18.82 -13.41
C ASP B 100 6.80 -17.69 -12.38
N ILE B 101 6.70 -16.44 -12.82
CA ILE B 101 6.94 -15.32 -11.91
C ILE B 101 5.93 -15.32 -10.76
N VAL B 102 4.73 -15.79 -11.02
CA VAL B 102 3.72 -15.86 -9.97
C VAL B 102 4.09 -16.95 -8.97
N LEU B 103 4.54 -18.11 -9.47
CA LEU B 103 5.01 -19.15 -8.57
C LEU B 103 6.16 -18.67 -7.71
N MET B 104 7.07 -17.88 -8.28
CA MET B 104 8.19 -17.34 -7.50
C MET B 104 7.69 -16.38 -6.44
N ALA B 105 6.82 -15.45 -6.83
CA ALA B 105 6.28 -14.52 -5.86
C ALA B 105 5.54 -15.26 -4.74
N GLN B 106 4.79 -16.32 -5.07
CA GLN B 106 4.07 -17.07 -4.04
C GLN B 106 5.03 -17.71 -3.05
N ALA B 107 6.18 -18.20 -3.53
CA ALA B 107 7.16 -18.78 -2.61
C ALA B 107 7.74 -17.72 -1.68
N LEU B 108 8.07 -16.53 -2.21
CA LEU B 108 8.54 -15.45 -1.35
C LEU B 108 7.45 -15.02 -0.37
N GLU B 109 6.20 -14.94 -0.84
CA GLU B 109 5.12 -14.49 0.04
C GLU B 109 4.92 -15.45 1.21
N LYS B 110 5.07 -16.76 0.96
CA LYS B 110 4.95 -17.72 2.04
C LYS B 110 5.97 -17.45 3.12
N ILE B 111 7.21 -17.16 2.73
CA ILE B 111 8.26 -16.86 3.70
C ILE B 111 7.96 -15.54 4.40
N PHE B 112 7.58 -14.53 3.62
CA PHE B 112 7.19 -13.25 4.21
C PHE B 112 6.17 -13.45 5.32
N LEU B 113 5.12 -14.21 5.02
CA LEU B 113 4.07 -14.43 6.02
C LEU B 113 4.59 -15.20 7.23
N GLN B 114 5.42 -16.22 7.00
CA GLN B 114 6.00 -16.97 8.12
C GLN B 114 6.81 -16.04 9.02
N LYS B 115 7.65 -15.20 8.42
CA LYS B 115 8.48 -14.33 9.24
C LYS B 115 7.66 -13.27 9.94
N VAL B 116 6.65 -12.72 9.26
CA VAL B 116 5.81 -11.72 9.91
C VAL B 116 5.07 -12.33 11.10
N ALA B 117 4.67 -13.60 10.98
CA ALA B 117 3.98 -14.26 12.08
C ALA B 117 4.87 -14.40 13.30
N GLN B 118 6.19 -14.41 13.12
CA GLN B 118 7.14 -14.54 14.23
C GLN B 118 7.68 -13.19 14.70
N MET B 119 7.17 -12.10 14.17
CA MET B 119 7.63 -10.77 14.55
CA MET B 119 7.67 -10.79 14.57
C MET B 119 7.33 -10.52 16.02
N PRO B 120 8.27 -10.02 16.80
CA PRO B 120 7.97 -9.72 18.21
C PRO B 120 6.95 -8.60 18.32
N GLN B 121 6.15 -8.66 19.38
CA GLN B 121 5.20 -7.59 19.63
C GLN B 121 5.93 -6.27 19.85
N GLU B 122 5.19 -5.19 19.66
CA GLU B 122 5.71 -3.85 19.87
C GLU B 122 5.64 -3.50 21.35
#